data_8TYU
#
_entry.id   8TYU
#
_cell.length_a   56.290
_cell.length_b   47.798
_cell.length_c   71.682
_cell.angle_alpha   90.00
_cell.angle_beta   107.15
_cell.angle_gamma   90.00
#
_symmetry.space_group_name_H-M   'P 1 21 1'
#
loop_
_entity.id
_entity.type
_entity.pdbx_description
1 polymer 'Solute carrier family 53 member 1'
2 water water
#
_entity_poly.entity_id   1
_entity_poly.type   'polypeptide(L)'
_entity_poly.pdbx_seq_one_letter_code
;GSGTMKFAEHLSAHITPEWRKQYIQYEAFKDMLYSAQDQAPSVEVTDEDTVKRYFAKFEEKFFQTCEKELAKINTFYSEK
LAEAQRRFATLQNELQSSGSGSGDLKLAFSEFYLSLILLQNYQNLNFTGFRKILKKHDKILETSRGADWRVAHVEVAPFY
TCKKINQLISETEAVVTNELE
;
_entity_poly.pdbx_strand_id   B,A
#
# COMPACT_ATOMS: atom_id res chain seq x y z
N PHE A 7 16.28 -4.26 11.95
CA PHE A 7 15.49 -4.63 10.75
C PHE A 7 14.30 -5.52 11.11
N ALA A 8 14.43 -6.32 12.18
CA ALA A 8 13.31 -7.17 12.59
C ALA A 8 12.06 -6.32 12.79
N GLU A 9 12.22 -5.17 13.47
CA GLU A 9 11.11 -4.27 13.77
C GLU A 9 10.59 -3.59 12.49
N HIS A 10 11.51 -3.16 11.62
CA HIS A 10 11.16 -2.49 10.38
C HIS A 10 10.27 -3.37 9.52
N LEU A 11 10.72 -4.62 9.36
CA LEU A 11 10.07 -5.63 8.54
C LEU A 11 8.66 -5.90 9.04
N SER A 12 8.54 -6.23 10.33
CA SER A 12 7.26 -6.37 10.97
C SER A 12 6.36 -5.17 10.66
N ALA A 13 6.92 -3.96 10.74
CA ALA A 13 6.16 -2.73 10.63
C ALA A 13 5.64 -2.52 9.20
N HIS A 14 6.36 -3.04 8.21
CA HIS A 14 6.12 -2.72 6.80
C HIS A 14 5.58 -3.92 6.03
N ILE A 15 5.50 -5.10 6.67
CA ILE A 15 4.80 -6.24 6.09
C ILE A 15 3.36 -5.86 5.82
N THR A 16 2.83 -6.37 4.69
CA THR A 16 1.42 -6.35 4.32
C THR A 16 0.64 -7.47 5.04
N PRO A 17 -0.32 -7.18 5.96
CA PRO A 17 -0.83 -8.17 6.91
C PRO A 17 -1.34 -9.51 6.35
N GLU A 18 -2.14 -9.46 5.28
CA GLU A 18 -2.69 -10.62 4.61
C GLU A 18 -1.59 -11.50 4.00
N TRP A 19 -0.36 -10.98 3.94
CA TRP A 19 0.77 -11.65 3.29
C TRP A 19 1.83 -12.11 4.29
N ARG A 20 1.57 -11.99 5.61
CA ARG A 20 2.61 -12.05 6.63
C ARG A 20 3.47 -13.30 6.54
N LYS A 21 2.82 -14.47 6.35
CA LYS A 21 3.50 -15.76 6.34
C LYS A 21 4.36 -15.94 5.08
N GLN A 22 4.16 -15.10 4.05
CA GLN A 22 4.84 -15.24 2.78
C GLN A 22 6.16 -14.47 2.73
N TYR A 23 6.45 -13.66 3.75
CA TYR A 23 7.74 -12.99 3.84
C TYR A 23 8.78 -13.91 4.47
N ILE A 24 10.05 -13.58 4.21
CA ILE A 24 11.15 -14.25 4.87
C ILE A 24 10.89 -14.19 6.37
N GLN A 25 11.07 -15.32 7.05
CA GLN A 25 10.85 -15.39 8.48
C GLN A 25 12.10 -14.89 9.22
N TYR A 26 12.27 -13.55 9.16
CA TYR A 26 13.50 -12.90 9.60
C TYR A 26 13.76 -13.16 11.09
N GLU A 27 12.74 -12.97 11.94
CA GLU A 27 12.93 -13.16 13.37
C GLU A 27 13.27 -14.61 13.69
N ALA A 28 12.62 -15.57 12.99
CA ALA A 28 12.91 -16.99 13.18
C ALA A 28 14.36 -17.31 12.83
N PHE A 29 14.89 -16.69 11.77
CA PHE A 29 16.30 -16.88 11.44
C PHE A 29 17.22 -16.30 12.51
N LYS A 30 16.87 -15.12 13.05
CA LYS A 30 17.67 -14.56 14.13
C LYS A 30 17.72 -15.54 15.31
N ASP A 31 16.55 -16.09 15.68
CA ASP A 31 16.46 -17.05 16.77
C ASP A 31 17.37 -18.26 16.51
N MET A 32 17.37 -18.74 15.27
CA MET A 32 18.18 -19.89 14.88
C MET A 32 19.67 -19.59 15.10
N LEU A 33 20.11 -18.41 14.64
CA LEU A 33 21.50 -18.01 14.73
C LEU A 33 21.92 -17.80 16.19
N TYR A 34 21.05 -17.18 17.00
CA TYR A 34 21.37 -16.96 18.40
C TYR A 34 21.45 -18.30 19.15
N SER A 35 20.56 -19.25 18.80
CA SER A 35 20.61 -20.60 19.36
C SER A 35 21.90 -21.31 18.97
N ALA A 36 22.32 -21.18 17.71
CA ALA A 36 23.54 -21.83 17.25
C ALA A 36 24.73 -21.38 18.10
N GLN A 37 24.81 -20.08 18.36
CA GLN A 37 25.87 -19.44 19.13
C GLN A 37 25.82 -19.89 20.58
N ASP A 38 24.62 -19.90 21.15
CA ASP A 38 24.42 -20.21 22.56
C ASP A 38 24.77 -21.67 22.87
N GLN A 39 24.41 -22.60 21.97
CA GLN A 39 24.50 -24.03 22.24
C GLN A 39 25.78 -24.64 21.67
N ALA A 40 26.65 -23.82 21.07
CA ALA A 40 27.89 -24.32 20.49
C ALA A 40 28.72 -25.01 21.56
N PRO A 41 29.31 -26.19 21.27
CA PRO A 41 30.24 -26.82 22.20
C PRO A 41 31.57 -26.06 22.17
N SER A 42 32.32 -26.14 23.27
CA SER A 42 33.66 -25.60 23.31
C SER A 42 34.64 -26.72 22.98
N VAL A 43 35.67 -26.39 22.21
CA VAL A 43 36.71 -27.34 21.90
C VAL A 43 37.38 -27.84 23.18
N GLU A 44 37.45 -27.01 24.23
CA GLU A 44 38.21 -27.38 25.42
C GLU A 44 37.46 -28.49 26.18
N VAL A 45 36.13 -28.44 26.15
CA VAL A 45 35.31 -29.43 26.84
C VAL A 45 35.08 -30.63 25.93
N THR A 46 35.18 -30.46 24.59
CA THR A 46 34.97 -31.56 23.67
C THR A 46 36.23 -31.78 22.82
N ASP A 47 36.14 -31.55 21.51
CA ASP A 47 37.30 -31.62 20.63
C ASP A 47 36.96 -30.99 19.28
N GLU A 48 37.94 -30.89 18.38
CA GLU A 48 37.75 -30.21 17.10
C GLU A 48 36.71 -30.95 16.27
N ASP A 49 36.74 -32.28 16.27
CA ASP A 49 35.74 -33.07 15.57
C ASP A 49 34.35 -32.64 16.00
N THR A 50 34.10 -32.61 17.31
CA THR A 50 32.76 -32.31 17.82
C THR A 50 32.34 -30.90 17.41
N VAL A 51 33.24 -29.93 17.49
CA VAL A 51 32.89 -28.55 17.14
C VAL A 51 32.58 -28.45 15.67
N LYS A 52 33.40 -29.06 14.81
CA LYS A 52 33.20 -28.99 13.38
C LYS A 52 31.91 -29.71 12.99
N ARG A 53 31.56 -30.81 13.65
CA ARG A 53 30.33 -31.52 13.35
C ARG A 53 29.16 -30.62 13.72
N TYR A 54 29.24 -29.92 14.84
CA TYR A 54 28.14 -29.07 15.31
C TYR A 54 27.87 -28.01 14.25
N PHE A 55 28.91 -27.32 13.79
CA PHE A 55 28.67 -26.21 12.89
C PHE A 55 28.30 -26.72 11.51
N ALA A 56 28.79 -27.88 11.08
CA ALA A 56 28.43 -28.41 9.77
C ALA A 56 26.95 -28.75 9.77
N LYS A 57 26.46 -29.35 10.87
CA LYS A 57 25.06 -29.72 10.96
C LYS A 57 24.22 -28.44 11.00
N PHE A 58 24.64 -27.42 11.74
CA PHE A 58 23.89 -26.18 11.80
C PHE A 58 23.84 -25.57 10.39
N GLU A 59 24.97 -25.52 9.67
CA GLU A 59 25.01 -24.86 8.37
C GLU A 59 24.09 -25.59 7.41
N GLU A 60 24.05 -26.92 7.46
CA GLU A 60 23.18 -27.69 6.61
C GLU A 60 21.74 -27.25 6.85
N LYS A 61 21.33 -27.18 8.13
CA LYS A 61 19.96 -26.81 8.51
C LYS A 61 19.69 -25.38 8.07
N PHE A 62 20.65 -24.48 8.30
CA PHE A 62 20.46 -23.07 7.99
C PHE A 62 20.21 -22.90 6.50
N PHE A 63 21.04 -23.51 5.64
CA PHE A 63 20.89 -23.30 4.21
C PHE A 63 19.72 -24.08 3.65
N GLN A 64 19.32 -25.20 4.26
CA GLN A 64 18.06 -25.85 3.88
C GLN A 64 16.89 -24.89 4.14
N THR A 65 16.92 -24.18 5.28
CA THR A 65 15.86 -23.27 5.64
C THR A 65 15.86 -22.09 4.68
N CYS A 66 17.03 -21.55 4.33
CA CYS A 66 17.13 -20.52 3.31
C CYS A 66 16.53 -20.98 2.00
N GLU A 67 16.81 -22.20 1.54
CA GLU A 67 16.25 -22.70 0.29
C GLU A 67 14.72 -22.77 0.38
N LYS A 68 14.18 -23.23 1.52
CA LYS A 68 12.74 -23.40 1.67
C LYS A 68 12.10 -22.00 1.61
N GLU A 69 12.70 -21.03 2.27
CA GLU A 69 12.16 -19.67 2.33
C GLU A 69 12.22 -19.05 0.94
N LEU A 70 13.32 -19.24 0.20
CA LEU A 70 13.48 -18.70 -1.13
C LEU A 70 12.40 -19.27 -2.06
N ALA A 71 12.16 -20.58 -2.00
CA ALA A 71 11.15 -21.21 -2.85
C ALA A 71 9.78 -20.65 -2.50
N LYS A 72 9.52 -20.41 -1.23
CA LYS A 72 8.22 -19.88 -0.81
C LYS A 72 8.00 -18.51 -1.42
N ILE A 73 9.02 -17.66 -1.35
CA ILE A 73 8.96 -16.29 -1.85
C ILE A 73 8.83 -16.30 -3.38
N ASN A 74 9.59 -17.10 -4.11
CA ASN A 74 9.44 -17.22 -5.54
C ASN A 74 8.02 -17.64 -5.89
N THR A 75 7.48 -18.63 -5.17
CA THR A 75 6.15 -19.14 -5.46
C THR A 75 5.10 -18.04 -5.27
N PHE A 76 5.14 -17.34 -4.13
CA PHE A 76 4.15 -16.32 -3.85
C PHE A 76 4.27 -15.19 -4.85
N TYR A 77 5.48 -14.73 -5.14
CA TYR A 77 5.68 -13.67 -6.09
C TYR A 77 5.09 -14.05 -7.45
N SER A 78 5.35 -15.25 -7.90
CA SER A 78 4.88 -15.73 -9.20
C SER A 78 3.35 -15.71 -9.24
N GLU A 79 2.72 -16.15 -8.16
CA GLU A 79 1.26 -16.22 -8.09
C GLU A 79 0.71 -14.80 -8.13
N LYS A 80 1.29 -13.87 -7.37
CA LYS A 80 0.80 -12.50 -7.30
C LYS A 80 1.06 -11.75 -8.59
N LEU A 81 2.11 -12.08 -9.33
CA LEU A 81 2.40 -11.48 -10.61
C LEU A 81 1.32 -11.95 -11.60
N ALA A 82 1.03 -13.25 -11.62
CA ALA A 82 0.01 -13.78 -12.51
C ALA A 82 -1.34 -13.12 -12.20
N GLU A 83 -1.67 -12.96 -10.92
CA GLU A 83 -2.92 -12.28 -10.55
C GLU A 83 -2.90 -10.85 -11.08
N ALA A 84 -1.78 -10.15 -11.04
CA ALA A 84 -1.69 -8.77 -11.48
C ALA A 84 -1.85 -8.71 -12.99
N GLN A 85 -1.22 -9.60 -13.73
CA GLN A 85 -1.32 -9.61 -15.17
C GLN A 85 -2.79 -9.81 -15.54
N ARG A 86 -3.49 -10.72 -14.86
CA ARG A 86 -4.90 -10.96 -15.18
C ARG A 86 -5.72 -9.74 -14.82
N ARG A 87 -5.43 -9.09 -13.71
CA ARG A 87 -6.21 -7.91 -13.32
C ARG A 87 -6.04 -6.78 -14.33
N PHE A 88 -4.84 -6.54 -14.81
CA PHE A 88 -4.62 -5.51 -15.81
C PHE A 88 -5.44 -5.81 -17.05
N ALA A 89 -5.42 -7.07 -17.49
CA ALA A 89 -6.17 -7.45 -18.69
C ALA A 89 -7.65 -7.13 -18.50
N THR A 90 -8.20 -7.41 -17.32
CA THR A 90 -9.61 -7.16 -17.07
C THR A 90 -9.90 -5.68 -17.17
N LEU A 91 -9.10 -4.85 -16.53
CA LEU A 91 -9.33 -3.42 -16.47
C LEU A 91 -9.14 -2.78 -17.84
N GLN A 92 -8.12 -3.20 -18.60
CA GLN A 92 -7.88 -2.73 -19.96
C GLN A 92 -9.07 -3.07 -20.86
N ASN A 93 -9.62 -4.28 -20.73
CA ASN A 93 -10.75 -4.67 -21.54
C ASN A 93 -11.97 -3.81 -21.22
N GLU A 94 -12.21 -3.53 -19.94
CA GLU A 94 -13.29 -2.64 -19.57
C GLU A 94 -13.08 -1.27 -20.20
N LEU A 95 -11.86 -0.72 -20.14
CA LEU A 95 -11.66 0.62 -20.68
C LEU A 95 -11.92 0.67 -22.19
N GLN A 96 -11.45 -0.36 -22.91
CA GLN A 96 -11.62 -0.34 -24.36
C GLN A 96 -13.06 -0.61 -24.79
N SER A 97 -13.83 -1.31 -23.96
CA SER A 97 -15.22 -1.56 -24.29
C SER A 97 -16.09 -0.34 -23.98
N SER A 98 -15.97 0.20 -22.76
CA SER A 98 -16.95 1.17 -22.27
C SER A 98 -16.35 2.56 -22.05
N GLY A 99 -15.02 2.71 -22.15
CA GLY A 99 -14.39 4.01 -21.99
C GLY A 99 -14.15 4.33 -20.51
N SER A 100 -13.76 5.59 -20.25
CA SER A 100 -13.31 5.98 -18.92
C SER A 100 -14.48 5.94 -17.93
N GLY A 101 -15.68 6.33 -18.39
CA GLY A 101 -16.83 6.42 -17.52
C GLY A 101 -16.65 7.55 -16.51
N SER A 102 -17.29 7.42 -15.35
CA SER A 102 -17.49 8.55 -14.45
C SER A 102 -16.53 8.54 -13.26
N GLY A 103 -15.64 7.54 -13.17
CA GLY A 103 -14.57 7.56 -12.19
C GLY A 103 -14.29 6.21 -11.53
N ASP A 104 -15.22 5.25 -11.62
CA ASP A 104 -15.05 3.97 -10.94
C ASP A 104 -13.85 3.24 -11.52
N LEU A 105 -13.65 3.32 -12.84
CA LEU A 105 -12.53 2.66 -13.48
C LEU A 105 -11.21 3.34 -13.09
N LYS A 106 -11.19 4.66 -12.90
CA LYS A 106 -9.99 5.37 -12.44
C LYS A 106 -9.61 4.88 -11.05
N LEU A 107 -10.61 4.69 -10.19
CA LEU A 107 -10.36 4.19 -8.86
C LEU A 107 -9.84 2.76 -8.95
N ALA A 108 -10.42 1.91 -9.81
CA ALA A 108 -9.97 0.53 -9.93
C ALA A 108 -8.52 0.51 -10.41
N PHE A 109 -8.15 1.33 -11.40
CA PHE A 109 -6.74 1.38 -11.81
C PHE A 109 -5.82 1.90 -10.70
N SER A 110 -6.27 2.84 -9.87
CA SER A 110 -5.49 3.36 -8.75
C SER A 110 -5.22 2.24 -7.74
N GLU A 111 -6.24 1.44 -7.45
CA GLU A 111 -6.09 0.35 -6.50
C GLU A 111 -5.19 -0.72 -7.10
N PHE A 112 -5.29 -0.94 -8.42
CA PHE A 112 -4.45 -1.92 -9.07
C PHE A 112 -3.00 -1.44 -9.04
N TYR A 113 -2.75 -0.15 -9.31
CA TYR A 113 -1.40 0.39 -9.27
C TYR A 113 -0.82 0.18 -7.88
N LEU A 114 -1.60 0.44 -6.82
CA LEU A 114 -1.15 0.20 -5.45
C LEU A 114 -0.73 -1.26 -5.30
N SER A 115 -1.50 -2.20 -5.83
CA SER A 115 -1.19 -3.62 -5.72
C SER A 115 0.17 -3.92 -6.34
N LEU A 116 0.55 -3.22 -7.40
CA LEU A 116 1.82 -3.45 -8.07
C LEU A 116 2.93 -2.93 -7.18
N ILE A 117 2.73 -1.75 -6.57
CA ILE A 117 3.74 -1.18 -5.72
C ILE A 117 3.91 -2.03 -4.46
N LEU A 118 2.86 -2.62 -3.92
CA LEU A 118 2.99 -3.54 -2.80
C LEU A 118 3.83 -4.74 -3.21
N LEU A 119 3.68 -5.23 -4.45
CA LEU A 119 4.38 -6.43 -4.88
C LEU A 119 5.87 -6.06 -5.05
N GLN A 120 6.16 -4.87 -5.57
CA GLN A 120 7.54 -4.42 -5.77
C GLN A 120 8.19 -4.29 -4.39
N ASN A 121 7.48 -3.76 -3.41
CA ASN A 121 7.99 -3.67 -2.05
C ASN A 121 8.22 -5.04 -1.45
N TYR A 122 7.41 -6.04 -1.79
CA TYR A 122 7.63 -7.42 -1.36
C TYR A 122 8.96 -7.92 -1.90
N GLN A 123 9.26 -7.64 -3.16
CA GLN A 123 10.53 -8.00 -3.74
C GLN A 123 11.66 -7.38 -2.92
N ASN A 124 11.62 -6.06 -2.70
CA ASN A 124 12.74 -5.35 -2.09
C ASN A 124 12.88 -5.77 -0.64
N LEU A 125 11.80 -5.91 0.09
CA LEU A 125 11.86 -6.21 1.50
C LEU A 125 12.43 -7.61 1.72
N ASN A 126 12.03 -8.58 0.91
CA ASN A 126 12.56 -9.92 1.02
C ASN A 126 14.03 -9.97 0.61
N PHE A 127 14.44 -9.25 -0.43
CA PHE A 127 15.86 -9.19 -0.76
C PHE A 127 16.61 -8.63 0.44
N THR A 128 16.20 -7.49 0.98
CA THR A 128 16.92 -6.88 2.09
C THR A 128 16.94 -7.83 3.29
N GLY A 129 15.87 -8.55 3.57
CA GLY A 129 15.84 -9.49 4.67
C GLY A 129 16.85 -10.61 4.44
N PHE A 130 16.92 -11.16 3.24
CA PHE A 130 17.93 -12.19 2.99
C PHE A 130 19.32 -11.57 3.15
N ARG A 131 19.57 -10.39 2.61
CA ARG A 131 20.89 -9.80 2.67
C ARG A 131 21.29 -9.64 4.11
N LYS A 132 20.42 -9.11 4.95
CA LYS A 132 20.74 -8.79 6.34
C LYS A 132 20.88 -10.07 7.16
N ILE A 133 20.10 -11.11 6.90
CA ILE A 133 20.24 -12.31 7.69
C ILE A 133 21.52 -13.04 7.28
N LEU A 134 21.91 -12.99 6.01
CA LEU A 134 23.12 -13.69 5.59
C LEU A 134 24.34 -12.91 6.07
N LYS A 135 24.26 -11.59 6.20
CA LYS A 135 25.31 -10.77 6.81
C LYS A 135 25.45 -11.12 8.29
N LYS A 136 24.35 -11.27 9.02
CA LYS A 136 24.36 -11.61 10.42
C LYS A 136 24.94 -13.01 10.62
N HIS A 137 24.55 -13.96 9.78
CA HIS A 137 25.08 -15.31 9.76
C HIS A 137 26.61 -15.24 9.63
N ASP A 138 27.11 -14.47 8.67
CA ASP A 138 28.54 -14.44 8.38
C ASP A 138 29.28 -13.79 9.55
N LYS A 139 28.67 -12.85 10.24
CA LYS A 139 29.30 -12.22 11.39
C LYS A 139 29.43 -13.19 12.55
N ILE A 140 28.35 -13.90 12.83
CA ILE A 140 28.27 -14.78 13.99
C ILE A 140 29.17 -15.99 13.76
N LEU A 141 29.16 -16.58 12.56
CA LEU A 141 29.92 -17.79 12.28
C LEU A 141 31.30 -17.49 11.67
N GLU A 142 31.62 -16.20 11.47
CA GLU A 142 32.94 -15.78 10.97
C GLU A 142 33.31 -16.52 9.69
N THR A 143 32.41 -16.40 8.71
CA THR A 143 32.48 -17.11 7.46
C THR A 143 31.97 -16.18 6.35
N SER A 144 32.26 -16.51 5.08
CA SER A 144 31.61 -15.81 3.97
C SER A 144 30.64 -16.72 3.22
N ARG A 145 30.28 -17.86 3.79
CA ARG A 145 29.39 -18.80 3.14
C ARG A 145 28.04 -18.14 2.86
N GLY A 146 27.55 -17.27 3.76
CA GLY A 146 26.23 -16.66 3.55
C GLY A 146 26.27 -15.66 2.41
N ALA A 147 27.30 -14.83 2.34
CA ALA A 147 27.45 -13.89 1.24
C ALA A 147 27.50 -14.63 -0.09
N ASP A 148 28.27 -15.72 -0.18
CA ASP A 148 28.33 -16.49 -1.41
C ASP A 148 26.94 -17.01 -1.79
N TRP A 149 26.19 -17.47 -0.78
CA TRP A 149 24.88 -18.02 -1.03
C TRP A 149 23.95 -16.91 -1.54
N ARG A 150 24.09 -15.70 -0.98
CA ARG A 150 23.27 -14.59 -1.46
C ARG A 150 23.51 -14.40 -2.94
N VAL A 151 24.76 -14.33 -3.36
CA VAL A 151 25.11 -14.06 -4.74
C VAL A 151 24.69 -15.21 -5.64
N ALA A 152 24.92 -16.45 -5.22
CA ALA A 152 24.73 -17.60 -6.10
C ALA A 152 23.28 -18.07 -6.14
N HIS A 153 22.47 -17.68 -5.14
CA HIS A 153 21.10 -18.17 -5.04
C HIS A 153 20.08 -17.03 -5.02
N VAL A 154 20.21 -16.04 -4.13
CA VAL A 154 19.21 -14.99 -4.01
C VAL A 154 19.28 -14.07 -5.22
N GLU A 155 20.48 -13.65 -5.63
CA GLU A 155 20.64 -12.65 -6.67
C GLU A 155 20.31 -13.17 -8.08
N VAL A 156 20.08 -14.48 -8.22
CA VAL A 156 19.63 -15.07 -9.48
C VAL A 156 18.21 -15.60 -9.33
N ALA A 157 17.57 -15.36 -8.18
CA ALA A 157 16.24 -15.93 -7.94
C ALA A 157 15.19 -15.18 -8.75
N PRO A 158 14.18 -15.88 -9.31
CA PRO A 158 13.17 -15.22 -10.13
C PRO A 158 12.49 -14.04 -9.44
N PHE A 159 12.19 -14.15 -8.14
CA PHE A 159 11.49 -13.06 -7.47
C PHE A 159 12.31 -11.77 -7.53
N TYR A 160 13.63 -11.89 -7.57
CA TYR A 160 14.54 -10.76 -7.49
C TYR A 160 14.87 -10.24 -8.88
N THR A 161 15.07 -11.13 -9.85
CA THR A 161 15.51 -10.71 -11.17
C THR A 161 14.32 -10.20 -11.98
N CYS A 162 13.10 -10.70 -11.71
CA CYS A 162 11.98 -10.42 -12.60
C CYS A 162 11.71 -8.93 -12.76
N LYS A 163 11.54 -8.52 -14.03
CA LYS A 163 11.19 -7.15 -14.36
C LYS A 163 9.83 -7.06 -15.04
N LYS A 164 9.01 -8.09 -14.87
CA LYS A 164 7.66 -8.03 -15.44
C LYS A 164 6.80 -7.07 -14.66
N ILE A 165 6.97 -6.96 -13.34
CA ILE A 165 6.20 -5.98 -12.58
C ILE A 165 6.59 -4.58 -13.07
N ASN A 166 7.88 -4.35 -13.31
CA ASN A 166 8.33 -3.08 -13.84
C ASN A 166 7.58 -2.77 -15.13
N GLN A 167 7.48 -3.77 -16.01
CA GLN A 167 6.79 -3.59 -17.26
C GLN A 167 5.31 -3.28 -17.03
N LEU A 168 4.64 -3.96 -16.10
CA LEU A 168 3.25 -3.66 -15.80
C LEU A 168 3.05 -2.27 -15.22
N ILE A 169 3.95 -1.86 -14.34
CA ILE A 169 3.92 -0.52 -13.78
C ILE A 169 3.99 0.52 -14.89
N SER A 170 4.93 0.37 -15.84
CA SER A 170 5.06 1.29 -16.96
C SER A 170 3.79 1.31 -17.80
N GLU A 171 3.27 0.12 -18.12
CA GLU A 171 2.06 0.01 -18.92
C GLU A 171 0.87 0.65 -18.20
N THR A 172 0.74 0.44 -16.89
CA THR A 172 -0.37 0.99 -16.12
C THR A 172 -0.29 2.51 -16.11
N GLU A 173 0.94 3.06 -15.95
CA GLU A 173 1.13 4.50 -15.96
C GLU A 173 0.69 5.13 -17.27
N ALA A 174 0.87 4.41 -18.38
CA ALA A 174 0.57 4.94 -19.73
C ALA A 174 -0.93 4.83 -20.02
N VAL A 175 -1.67 4.24 -19.11
CA VAL A 175 -3.16 4.29 -19.17
C VAL A 175 -3.53 5.49 -18.30
N VAL A 176 -3.35 5.44 -16.95
CA VAL A 176 -3.69 6.51 -15.97
C VAL A 176 -2.96 7.84 -16.27
N THR A 177 -2.67 8.12 -17.55
CA THR A 177 -1.85 9.31 -17.96
C THR A 177 -2.71 10.56 -18.18
N MET B 5 -18.26 -5.68 -5.07
CA MET B 5 -18.76 -5.09 -3.79
C MET B 5 -19.48 -3.77 -4.09
N LYS B 6 -20.54 -3.50 -3.31
CA LYS B 6 -21.16 -2.19 -3.23
C LYS B 6 -20.18 -1.23 -2.57
N PHE B 7 -20.37 0.09 -2.71
CA PHE B 7 -19.26 0.99 -2.39
C PHE B 7 -18.97 1.04 -0.89
N ALA B 8 -19.99 0.99 -0.03
CA ALA B 8 -19.73 1.07 1.40
C ALA B 8 -18.76 -0.03 1.83
N GLU B 9 -18.99 -1.26 1.32
CA GLU B 9 -18.12 -2.39 1.63
C GLU B 9 -16.78 -2.25 0.91
N HIS B 10 -16.79 -1.71 -0.32
CA HIS B 10 -15.56 -1.47 -1.07
C HIS B 10 -14.64 -0.52 -0.29
N LEU B 11 -15.18 0.62 0.14
CA LEU B 11 -14.43 1.62 0.89
C LEU B 11 -13.86 0.99 2.16
N SER B 12 -14.71 0.27 2.90
CA SER B 12 -14.28 -0.35 4.14
C SER B 12 -13.10 -1.31 3.91
N ALA B 13 -13.13 -2.06 2.80
CA ALA B 13 -12.11 -3.07 2.51
C ALA B 13 -10.81 -2.43 2.02
N HIS B 14 -10.86 -1.21 1.48
CA HIS B 14 -9.70 -0.62 0.80
C HIS B 14 -9.08 0.54 1.59
N ILE B 15 -9.71 0.93 2.71
CA ILE B 15 -9.17 1.93 3.62
C ILE B 15 -7.84 1.46 4.19
N THR B 16 -6.84 2.36 4.23
CA THR B 16 -5.62 2.20 5.00
C THR B 16 -6.00 2.23 6.47
N PRO B 17 -5.90 1.11 7.23
CA PRO B 17 -6.45 1.05 8.60
C PRO B 17 -6.01 2.16 9.55
N GLU B 18 -4.73 2.56 9.48
CA GLU B 18 -4.15 3.55 10.37
C GLU B 18 -4.76 4.93 10.13
N TRP B 19 -5.48 5.08 9.00
CA TRP B 19 -6.07 6.34 8.59
C TRP B 19 -7.60 6.33 8.62
N ARG B 20 -8.20 5.28 9.20
CA ARG B 20 -9.61 4.98 9.00
C ARG B 20 -10.52 6.17 9.30
N LYS B 21 -10.26 6.89 10.40
CA LYS B 21 -11.15 7.95 10.84
C LYS B 21 -11.08 9.16 9.90
N GLN B 22 -10.04 9.22 9.04
CA GLN B 22 -9.82 10.39 8.19
C GLN B 22 -10.55 10.27 6.86
N TYR B 23 -11.20 9.14 6.59
CA TYR B 23 -11.96 9.00 5.36
C TYR B 23 -13.39 9.51 5.56
N ILE B 24 -14.01 9.84 4.43
CA ILE B 24 -15.43 10.18 4.41
C ILE B 24 -16.21 9.09 5.14
N GLN B 25 -17.15 9.54 5.98
CA GLN B 25 -18.00 8.63 6.75
C GLN B 25 -19.20 8.23 5.89
N TYR B 26 -18.92 7.39 4.89
CA TYR B 26 -19.87 7.06 3.84
C TYR B 26 -21.07 6.33 4.41
N GLU B 27 -20.82 5.34 5.27
CA GLU B 27 -21.92 4.58 5.86
C GLU B 27 -22.83 5.51 6.66
N ALA B 28 -22.24 6.46 7.42
CA ALA B 28 -23.06 7.37 8.22
C ALA B 28 -23.89 8.28 7.32
N PHE B 29 -23.33 8.71 6.18
CA PHE B 29 -24.12 9.46 5.21
C PHE B 29 -25.26 8.61 4.66
N LYS B 30 -24.99 7.34 4.32
CA LYS B 30 -26.05 6.47 3.81
C LYS B 30 -27.16 6.35 4.84
N ASP B 31 -26.80 6.19 6.12
CA ASP B 31 -27.79 6.02 7.18
C ASP B 31 -28.62 7.31 7.34
N MET B 32 -27.95 8.47 7.23
CA MET B 32 -28.60 9.76 7.34
C MET B 32 -29.62 9.92 6.20
N LEU B 33 -29.27 9.46 4.99
CA LEU B 33 -30.15 9.56 3.83
C LEU B 33 -31.36 8.64 4.00
N TYR B 34 -31.13 7.43 4.51
CA TYR B 34 -32.22 6.52 4.83
C TYR B 34 -33.15 7.18 5.84
N SER B 35 -32.59 7.85 6.85
CA SER B 35 -33.41 8.54 7.83
C SER B 35 -34.26 9.63 7.18
N ALA B 36 -33.72 10.36 6.20
CA ALA B 36 -34.49 11.40 5.52
C ALA B 36 -35.76 10.80 4.90
N GLN B 37 -35.61 9.62 4.28
CA GLN B 37 -36.73 8.90 3.71
C GLN B 37 -37.63 8.36 4.82
N ASP B 38 -37.04 7.72 5.84
CA ASP B 38 -37.79 7.00 6.86
C ASP B 38 -38.68 7.89 7.71
N GLN B 39 -38.26 9.13 7.92
CA GLN B 39 -38.97 10.05 8.80
C GLN B 39 -39.87 10.99 8.00
N ALA B 40 -39.78 10.96 6.67
CA ALA B 40 -40.42 11.97 5.86
C ALA B 40 -41.94 11.90 6.05
N PRO B 41 -42.61 13.00 6.45
CA PRO B 41 -44.07 12.97 6.53
C PRO B 41 -44.68 12.95 5.13
N SER B 42 -45.80 12.22 5.00
CA SER B 42 -46.54 12.03 3.75
C SER B 42 -47.42 13.25 3.47
N VAL B 43 -47.40 13.74 2.22
CA VAL B 43 -48.21 14.90 1.85
C VAL B 43 -49.69 14.52 1.77
N GLU B 44 -50.02 13.23 1.73
CA GLU B 44 -51.40 12.77 1.77
C GLU B 44 -52.05 13.22 3.08
N VAL B 45 -51.27 13.24 4.16
CA VAL B 45 -51.81 13.40 5.50
C VAL B 45 -51.11 14.56 6.23
N THR B 46 -50.25 15.31 5.53
CA THR B 46 -49.48 16.40 6.12
C THR B 46 -49.60 17.64 5.24
N ASP B 47 -49.63 18.80 5.89
CA ASP B 47 -49.64 20.08 5.19
C ASP B 47 -48.31 20.26 4.48
N GLU B 48 -48.36 20.91 3.31
CA GLU B 48 -47.21 21.08 2.43
C GLU B 48 -46.09 21.83 3.15
N ASP B 49 -46.42 22.81 4.01
CA ASP B 49 -45.40 23.62 4.66
C ASP B 49 -44.58 22.77 5.63
N THR B 50 -45.25 21.86 6.36
CA THR B 50 -44.60 20.99 7.33
C THR B 50 -43.61 20.10 6.57
N VAL B 51 -44.03 19.58 5.42
CA VAL B 51 -43.20 18.71 4.60
C VAL B 51 -41.99 19.49 4.06
N LYS B 52 -42.22 20.71 3.55
CA LYS B 52 -41.14 21.52 2.98
C LYS B 52 -40.13 21.90 4.07
N ARG B 53 -40.62 22.29 5.25
CA ARG B 53 -39.75 22.60 6.37
C ARG B 53 -38.90 21.38 6.74
N TYR B 54 -39.50 20.18 6.66
CA TYR B 54 -38.83 18.94 7.01
C TYR B 54 -37.60 18.74 6.13
N PHE B 55 -37.78 18.82 4.80
CA PHE B 55 -36.67 18.59 3.88
C PHE B 55 -35.66 19.73 3.93
N ALA B 56 -36.11 20.96 4.16
CA ALA B 56 -35.19 22.09 4.25
C ALA B 56 -34.25 21.89 5.44
N LYS B 57 -34.80 21.46 6.58
CA LYS B 57 -34.03 21.22 7.79
C LYS B 57 -33.04 20.10 7.52
N PHE B 58 -33.49 19.04 6.82
CA PHE B 58 -32.58 17.92 6.55
C PHE B 58 -31.42 18.40 5.68
N GLU B 59 -31.73 19.16 4.63
CA GLU B 59 -30.71 19.56 3.65
C GLU B 59 -29.62 20.38 4.34
N GLU B 60 -30.04 21.28 5.25
CA GLU B 60 -29.06 22.11 5.94
C GLU B 60 -28.14 21.22 6.76
N LYS B 61 -28.69 20.22 7.48
CA LYS B 61 -27.86 19.29 8.24
C LYS B 61 -26.94 18.48 7.34
N PHE B 62 -27.48 17.98 6.22
CA PHE B 62 -26.72 17.11 5.33
C PHE B 62 -25.51 17.85 4.78
N PHE B 63 -25.71 19.08 4.31
CA PHE B 63 -24.61 19.81 3.71
C PHE B 63 -23.62 20.35 4.75
N GLN B 64 -24.08 20.65 5.98
CA GLN B 64 -23.16 21.00 7.05
C GLN B 64 -22.23 19.82 7.33
N THR B 65 -22.79 18.60 7.31
CA THR B 65 -22.02 17.39 7.54
C THR B 65 -21.03 17.19 6.40
N CYS B 66 -21.48 17.43 5.16
CA CYS B 66 -20.59 17.37 4.00
C CYS B 66 -19.40 18.32 4.19
N GLU B 67 -19.67 19.54 4.64
CA GLU B 67 -18.61 20.52 4.84
C GLU B 67 -17.62 20.07 5.91
N LYS B 68 -18.12 19.49 7.01
CA LYS B 68 -17.24 19.06 8.09
C LYS B 68 -16.34 17.92 7.61
N GLU B 69 -16.90 17.02 6.82
CA GLU B 69 -16.14 15.90 6.27
C GLU B 69 -15.09 16.40 5.29
N LEU B 70 -15.46 17.35 4.41
CA LEU B 70 -14.52 17.88 3.44
C LEU B 70 -13.35 18.59 4.15
N ALA B 71 -13.65 19.37 5.22
CA ALA B 71 -12.58 20.04 5.96
C ALA B 71 -11.62 19.01 6.56
N LYS B 72 -12.16 17.93 7.13
CA LYS B 72 -11.37 16.87 7.71
C LYS B 72 -10.38 16.28 6.69
N ILE B 73 -10.92 15.95 5.50
CA ILE B 73 -10.14 15.33 4.44
C ILE B 73 -9.06 16.30 3.92
N ASN B 74 -9.42 17.56 3.67
CA ASN B 74 -8.44 18.55 3.24
C ASN B 74 -7.32 18.66 4.27
N THR B 75 -7.67 18.71 5.56
CA THR B 75 -6.68 18.88 6.60
C THR B 75 -5.71 17.68 6.61
N PHE B 76 -6.26 16.48 6.57
CA PHE B 76 -5.41 15.29 6.63
C PHE B 76 -4.50 15.21 5.40
N TYR B 77 -5.06 15.46 4.23
CA TYR B 77 -4.28 15.41 3.01
C TYR B 77 -3.08 16.37 3.10
N SER B 78 -3.36 17.59 3.56
CA SER B 78 -2.34 18.63 3.64
C SER B 78 -1.23 18.22 4.60
N GLU B 79 -1.61 17.62 5.74
CA GLU B 79 -0.65 17.13 6.73
C GLU B 79 0.23 16.03 6.14
N LYS B 80 -0.39 15.08 5.44
CA LYS B 80 0.36 13.97 4.85
C LYS B 80 1.25 14.45 3.70
N LEU B 81 0.80 15.45 2.93
CA LEU B 81 1.65 16.02 1.90
C LEU B 81 2.90 16.66 2.52
N ALA B 82 2.73 17.45 3.59
CA ALA B 82 3.88 18.12 4.19
C ALA B 82 4.87 17.07 4.70
N GLU B 83 4.34 16.01 5.31
CA GLU B 83 5.17 14.90 5.75
C GLU B 83 5.93 14.27 4.57
N ALA B 84 5.26 14.05 3.44
CA ALA B 84 5.90 13.47 2.26
C ALA B 84 7.01 14.36 1.73
N GLN B 85 6.78 15.67 1.68
CA GLN B 85 7.80 16.61 1.23
C GLN B 85 9.06 16.52 2.08
N ARG B 86 8.88 16.47 3.40
CA ARG B 86 10.00 16.35 4.32
C ARG B 86 10.73 15.03 4.11
N ARG B 87 9.99 13.93 3.94
CA ARG B 87 10.61 12.63 3.74
C ARG B 87 11.41 12.57 2.44
N PHE B 88 10.89 13.17 1.35
CA PHE B 88 11.62 13.14 0.09
C PHE B 88 12.96 13.86 0.25
N ALA B 89 12.94 15.03 0.92
CA ALA B 89 14.14 15.80 1.11
C ALA B 89 15.17 14.97 1.87
N THR B 90 14.74 14.30 2.93
CA THR B 90 15.61 13.48 3.75
C THR B 90 16.23 12.39 2.87
N LEU B 91 15.40 11.69 2.08
CA LEU B 91 15.88 10.59 1.25
C LEU B 91 16.87 11.08 0.18
N GLN B 92 16.60 12.24 -0.42
CA GLN B 92 17.48 12.76 -1.44
C GLN B 92 18.89 12.97 -0.87
N ASN B 93 18.95 13.33 0.41
CA ASN B 93 20.20 13.63 1.09
C ASN B 93 21.00 12.36 1.36
N GLU B 94 20.43 11.18 1.10
CA GLU B 94 21.09 9.90 1.35
C GLU B 94 21.67 9.26 0.09
N LEU B 95 21.43 9.83 -1.10
CA LEU B 95 21.73 9.16 -2.36
C LEU B 95 23.22 8.89 -2.55
N GLN B 96 24.08 9.69 -1.93
CA GLN B 96 25.52 9.48 -2.11
C GLN B 96 26.19 9.15 -0.79
N SER B 97 25.42 8.69 0.19
CA SER B 97 25.95 8.37 1.49
C SER B 97 26.73 7.07 1.42
N SER B 98 27.84 7.04 2.15
CA SER B 98 28.63 5.84 2.30
C SER B 98 27.97 4.94 3.33
N GLY B 99 28.29 3.64 3.27
CA GLY B 99 27.84 2.69 4.28
C GLY B 99 26.48 2.07 4.00
N SER B 100 25.81 2.43 2.88
CA SER B 100 24.55 1.81 2.52
C SER B 100 24.81 0.41 1.95
N GLY B 101 24.05 -0.58 2.44
CA GLY B 101 24.11 -1.92 1.90
C GLY B 101 23.34 -2.00 0.58
N SER B 102 23.71 -2.99 -0.26
CA SER B 102 23.06 -3.27 -1.53
C SER B 102 21.56 -3.36 -1.31
N GLY B 103 20.83 -2.49 -1.99
CA GLY B 103 19.39 -2.55 -1.97
C GLY B 103 18.73 -1.71 -0.87
N ASP B 104 19.50 -1.11 0.05
CA ASP B 104 18.91 -0.39 1.18
C ASP B 104 18.19 0.87 0.71
N LEU B 105 18.82 1.66 -0.15
CA LEU B 105 18.19 2.86 -0.69
C LEU B 105 16.99 2.48 -1.54
N LYS B 106 17.11 1.41 -2.33
CA LYS B 106 16.00 0.99 -3.18
C LYS B 106 14.78 0.70 -2.29
N LEU B 107 14.99 0.03 -1.16
CA LEU B 107 13.88 -0.27 -0.26
C LEU B 107 13.33 1.00 0.38
N ALA B 108 14.19 1.92 0.82
CA ALA B 108 13.70 3.15 1.41
C ALA B 108 12.84 3.93 0.40
N PHE B 109 13.29 4.03 -0.85
CA PHE B 109 12.54 4.75 -1.87
C PHE B 109 11.27 3.99 -2.23
N SER B 110 11.26 2.66 -2.27
CA SER B 110 10.04 1.94 -2.63
C SER B 110 9.01 2.08 -1.52
N GLU B 111 9.43 2.15 -0.26
CA GLU B 111 8.50 2.34 0.84
C GLU B 111 7.95 3.76 0.83
N PHE B 112 8.79 4.74 0.49
CA PHE B 112 8.36 6.11 0.36
C PHE B 112 7.36 6.21 -0.81
N TYR B 113 7.70 5.60 -1.96
CA TYR B 113 6.81 5.66 -3.12
C TYR B 113 5.47 5.06 -2.73
N LEU B 114 5.44 3.95 -2.01
CA LEU B 114 4.22 3.35 -1.53
C LEU B 114 3.42 4.34 -0.70
N SER B 115 4.07 5.13 0.15
CA SER B 115 3.36 6.09 0.96
C SER B 115 2.66 7.15 0.10
N LEU B 116 3.27 7.49 -1.04
CA LEU B 116 2.67 8.44 -1.97
C LEU B 116 1.43 7.84 -2.63
N ILE B 117 1.54 6.59 -3.07
CA ILE B 117 0.45 5.92 -3.75
C ILE B 117 -0.69 5.71 -2.76
N LEU B 118 -0.42 5.42 -1.49
CA LEU B 118 -1.48 5.30 -0.50
C LEU B 118 -2.23 6.62 -0.36
N LEU B 119 -1.49 7.74 -0.39
CA LEU B 119 -2.14 9.03 -0.23
C LEU B 119 -2.97 9.33 -1.47
N GLN B 120 -2.50 8.93 -2.67
CA GLN B 120 -3.27 9.14 -3.89
C GLN B 120 -4.53 8.28 -3.85
N ASN B 121 -4.45 7.08 -3.27
CA ASN B 121 -5.61 6.21 -3.11
C ASN B 121 -6.60 6.84 -2.14
N TYR B 122 -6.09 7.53 -1.11
CA TYR B 122 -6.93 8.25 -0.16
C TYR B 122 -7.70 9.34 -0.90
N GLN B 123 -7.00 10.07 -1.78
CA GLN B 123 -7.65 11.09 -2.60
C GLN B 123 -8.79 10.47 -3.41
N ASN B 124 -8.50 9.38 -4.12
CA ASN B 124 -9.45 8.79 -5.04
C ASN B 124 -10.64 8.19 -4.30
N LEU B 125 -10.39 7.48 -3.21
CA LEU B 125 -11.47 6.86 -2.48
C LEU B 125 -12.43 7.89 -1.91
N ASN B 126 -11.88 9.00 -1.40
CA ASN B 126 -12.71 10.05 -0.83
C ASN B 126 -13.50 10.80 -1.89
N PHE B 127 -12.84 11.09 -3.03
CA PHE B 127 -13.56 11.75 -4.12
C PHE B 127 -14.72 10.87 -4.60
N THR B 128 -14.42 9.59 -4.83
CA THR B 128 -15.43 8.61 -5.24
C THR B 128 -16.56 8.55 -4.23
N GLY B 129 -16.22 8.52 -2.93
CA GLY B 129 -17.24 8.47 -1.89
C GLY B 129 -18.16 9.67 -1.93
N PHE B 130 -17.58 10.87 -2.10
CA PHE B 130 -18.39 12.09 -2.21
C PHE B 130 -19.27 12.02 -3.45
N ARG B 131 -18.67 11.65 -4.59
CA ARG B 131 -19.40 11.57 -5.84
C ARG B 131 -20.61 10.65 -5.65
N LYS B 132 -20.42 9.48 -5.06
CA LYS B 132 -21.47 8.48 -4.98
C LYS B 132 -22.54 8.90 -3.97
N ILE B 133 -22.15 9.45 -2.82
CA ILE B 133 -23.10 9.85 -1.79
C ILE B 133 -23.96 11.00 -2.27
N LEU B 134 -23.36 11.92 -3.04
CA LEU B 134 -24.09 13.08 -3.55
C LEU B 134 -25.03 12.67 -4.68
N LYS B 135 -24.64 11.64 -5.46
CA LYS B 135 -25.54 11.05 -6.45
C LYS B 135 -26.75 10.42 -5.76
N LYS B 136 -26.50 9.69 -4.69
CA LYS B 136 -27.55 9.00 -3.94
C LYS B 136 -28.51 10.02 -3.35
N HIS B 137 -27.93 11.07 -2.76
CA HIS B 137 -28.68 12.18 -2.19
C HIS B 137 -29.65 12.72 -3.24
N ASP B 138 -29.12 13.00 -4.44
CA ASP B 138 -29.89 13.63 -5.50
C ASP B 138 -31.02 12.73 -5.98
N LYS B 139 -30.80 11.41 -6.01
CA LYS B 139 -31.83 10.45 -6.41
C LYS B 139 -32.99 10.48 -5.42
N ILE B 140 -32.65 10.40 -4.14
CA ILE B 140 -33.61 10.23 -3.07
C ILE B 140 -34.45 11.49 -2.90
N LEU B 141 -33.81 12.66 -3.01
CA LEU B 141 -34.46 13.93 -2.69
C LEU B 141 -34.86 14.70 -3.95
N GLU B 142 -34.69 14.07 -5.12
CA GLU B 142 -35.16 14.58 -6.40
C GLU B 142 -34.71 16.02 -6.59
N THR B 143 -33.39 16.20 -6.48
CA THR B 143 -32.75 17.51 -6.46
C THR B 143 -31.40 17.40 -7.18
N SER B 144 -30.85 18.54 -7.61
CA SER B 144 -29.50 18.59 -8.18
C SER B 144 -28.51 19.26 -7.21
N ARG B 145 -28.97 19.55 -5.98
CA ARG B 145 -28.19 20.28 -4.99
C ARG B 145 -26.89 19.56 -4.67
N GLY B 146 -26.93 18.22 -4.60
CA GLY B 146 -25.75 17.41 -4.33
C GLY B 146 -24.70 17.52 -5.43
N ALA B 147 -25.11 17.36 -6.69
CA ALA B 147 -24.23 17.53 -7.83
C ALA B 147 -23.65 18.95 -7.85
N ASP B 148 -24.49 19.97 -7.62
CA ASP B 148 -24.02 21.35 -7.58
C ASP B 148 -22.94 21.50 -6.50
N TRP B 149 -23.16 20.86 -5.34
CA TRP B 149 -22.23 20.95 -4.22
C TRP B 149 -20.92 20.23 -4.57
N ARG B 150 -21.02 19.10 -5.27
CA ARG B 150 -19.83 18.39 -5.74
C ARG B 150 -18.95 19.31 -6.59
N VAL B 151 -19.55 20.05 -7.53
CA VAL B 151 -18.80 20.88 -8.46
C VAL B 151 -18.21 22.10 -7.74
N ALA B 152 -19.00 22.70 -6.85
CA ALA B 152 -18.63 23.97 -6.21
C ALA B 152 -17.71 23.80 -5.01
N HIS B 153 -17.61 22.57 -4.45
CA HIS B 153 -16.87 22.32 -3.22
C HIS B 153 -15.86 21.19 -3.38
N VAL B 154 -16.27 20.02 -3.85
CA VAL B 154 -15.38 18.86 -3.84
C VAL B 154 -14.36 19.01 -4.98
N GLU B 155 -14.85 19.33 -6.17
CA GLU B 155 -14.02 19.33 -7.37
C GLU B 155 -13.02 20.48 -7.38
N VAL B 156 -13.14 21.44 -6.45
CA VAL B 156 -12.19 22.53 -6.31
C VAL B 156 -11.48 22.49 -4.95
N ALA B 157 -11.64 21.39 -4.20
CA ALA B 157 -11.00 21.25 -2.90
C ALA B 157 -9.53 20.88 -3.09
N PRO B 158 -8.59 21.46 -2.31
CA PRO B 158 -7.17 21.13 -2.43
C PRO B 158 -6.86 19.64 -2.38
N PHE B 159 -7.58 18.83 -1.60
CA PHE B 159 -7.23 17.42 -1.54
C PHE B 159 -7.37 16.78 -2.92
N TYR B 160 -8.27 17.34 -3.75
CA TYR B 160 -8.55 16.83 -5.08
C TYR B 160 -7.70 17.54 -6.14
N THR B 161 -7.52 18.87 -6.03
CA THR B 161 -6.87 19.66 -7.07
C THR B 161 -5.35 19.75 -6.95
N CYS B 162 -4.80 19.51 -5.76
CA CYS B 162 -3.38 19.70 -5.53
C CYS B 162 -2.58 18.72 -6.40
N LYS B 163 -1.48 19.20 -6.99
CA LYS B 163 -0.64 18.39 -7.86
C LYS B 163 0.71 18.10 -7.24
N LYS B 164 0.91 18.47 -5.97
CA LYS B 164 2.20 18.29 -5.33
C LYS B 164 2.56 16.81 -5.13
N ILE B 165 1.56 15.96 -4.82
CA ILE B 165 1.83 14.53 -4.68
C ILE B 165 2.18 13.97 -6.06
N ASN B 166 1.49 14.43 -7.11
CA ASN B 166 1.81 13.99 -8.46
C ASN B 166 3.27 14.32 -8.80
N GLN B 167 3.73 15.50 -8.38
CA GLN B 167 5.10 15.92 -8.64
C GLN B 167 6.08 15.07 -7.84
N LEU B 168 5.76 14.78 -6.58
CA LEU B 168 6.63 13.92 -5.77
C LEU B 168 6.71 12.51 -6.35
N ILE B 169 5.60 11.99 -6.85
CA ILE B 169 5.58 10.68 -7.50
C ILE B 169 6.53 10.68 -8.69
N SER B 170 6.43 11.69 -9.56
CA SER B 170 7.27 11.80 -10.73
C SER B 170 8.75 11.88 -10.34
N GLU B 171 9.07 12.72 -9.35
CA GLU B 171 10.43 12.95 -8.94
C GLU B 171 11.01 11.68 -8.31
N THR B 172 10.20 10.97 -7.53
CA THR B 172 10.65 9.76 -6.87
C THR B 172 10.94 8.67 -7.90
N GLU B 173 9.99 8.46 -8.82
CA GLU B 173 10.18 7.47 -9.87
C GLU B 173 11.45 7.81 -10.66
N ALA B 174 11.68 9.10 -10.95
CA ALA B 174 12.88 9.50 -11.71
C ALA B 174 14.16 9.07 -11.01
N VAL B 175 14.22 9.28 -9.69
CA VAL B 175 15.42 8.88 -8.94
C VAL B 175 15.57 7.37 -9.03
N VAL B 176 14.50 6.63 -8.77
CA VAL B 176 14.62 5.18 -8.77
C VAL B 176 15.12 4.68 -10.12
N THR B 177 14.51 5.17 -11.21
CA THR B 177 14.80 4.66 -12.54
C THR B 177 16.21 5.04 -12.97
N ASN B 178 16.61 6.28 -12.69
CA ASN B 178 17.79 6.83 -13.36
C ASN B 178 19.01 6.82 -12.45
N GLU B 179 18.83 6.52 -11.17
CA GLU B 179 19.89 6.61 -10.18
C GLU B 179 20.07 5.32 -9.36
N LEU B 180 18.98 4.62 -9.01
CA LEU B 180 19.06 3.40 -8.22
C LEU B 180 19.10 2.14 -9.08
N GLU B 181 18.40 2.11 -10.21
CA GLU B 181 18.39 0.93 -11.05
C GLU B 181 19.68 0.91 -11.90
#